data_3FF7
#
_entry.id   3FF7
#
_cell.length_a   54.120
_cell.length_b   83.411
_cell.length_c   56.508
_cell.angle_alpha   90.000
_cell.angle_beta   106.100
_cell.angle_gamma   90.000
#
_symmetry.space_group_name_H-M   'P 1 21 1'
#
loop_
_entity.id
_entity.type
_entity.pdbx_description
1 polymer 'Epithelial cadherin'
2 polymer 'Killer cell lectin-like receptor subfamily G member 1'
3 non-polymer 'ACETIC ACID'
4 water water
#
loop_
_entity_poly.entity_id
_entity_poly.type
_entity_poly.pdbx_seq_one_letter_code
_entity_poly.pdbx_strand_id
1 'polypeptide(L)'
;MDWVIPPISLPENEKGPFPKNLVQIKSNKDKEGKVFYSITGQGADTPPVGVFIIERETGWLKVTEPLDRERIATYTLFSH
AVSSNGNAVEDPMEILITVT
;
A,B
2 'polypeptide(L)'
;CPDRWMKYGNHCYYFSVEEKDWNSSLEFCLARDSHLLVITDNQEMSLLQVFLSEAFSWIGLRNNSGWRWEDGSPLNFSRI
SSNSFVQTCGAINKNGLQASSCEVPLHWVCKK
;
C,D
#
# COMPACT_ATOMS: atom_id res chain seq x y z
N MET A 1 20.57 9.10 6.89
CA MET A 1 19.53 8.83 5.86
C MET A 1 19.89 9.50 4.55
N ASP A 2 20.35 8.70 3.59
CA ASP A 2 20.74 9.25 2.30
C ASP A 2 20.18 8.51 1.08
N TRP A 3 19.05 7.84 1.29
CA TRP A 3 18.39 7.13 0.20
C TRP A 3 17.69 8.12 -0.73
N VAL A 4 17.78 7.88 -2.04
CA VAL A 4 17.10 8.71 -3.04
C VAL A 4 16.23 7.76 -3.86
N ILE A 5 14.92 7.92 -3.69
CA ILE A 5 13.96 7.04 -4.34
C ILE A 5 13.06 7.80 -5.31
N PRO A 6 13.20 7.55 -6.62
CA PRO A 6 12.35 8.23 -7.62
C PRO A 6 10.93 7.67 -7.56
N PRO A 7 9.97 8.35 -8.19
CA PRO A 7 8.57 7.88 -8.17
C PRO A 7 8.40 6.69 -9.08
N ILE A 8 7.89 5.60 -8.52
CA ILE A 8 7.73 4.38 -9.31
C ILE A 8 6.32 4.23 -9.88
N SER A 9 6.22 3.88 -11.15
CA SER A 9 4.92 3.64 -11.74
C SER A 9 5.10 2.41 -12.60
N LEU A 10 4.28 1.41 -12.33
CA LEU A 10 4.36 0.17 -13.08
C LEU A 10 3.88 0.39 -14.51
N PRO A 11 4.55 -0.25 -15.48
CA PRO A 11 4.17 -0.11 -16.89
C PRO A 11 2.69 -0.40 -17.18
N LYS A 15 3.64 -5.15 -22.60
CA LYS A 15 4.71 -6.13 -22.30
C LYS A 15 5.58 -6.35 -23.53
N GLY A 16 6.87 -6.61 -23.31
CA GLY A 16 7.76 -6.83 -24.43
C GLY A 16 9.24 -6.97 -24.10
N PRO A 17 9.91 -5.88 -23.68
CA PRO A 17 11.33 -5.91 -23.34
C PRO A 17 11.59 -6.18 -21.85
N PHE A 18 11.60 -7.45 -21.45
CA PHE A 18 11.84 -7.78 -20.06
C PHE A 18 13.25 -8.30 -19.84
N PRO A 19 13.85 -7.99 -18.67
CA PRO A 19 13.25 -7.21 -17.59
C PRO A 19 13.12 -5.73 -17.98
N LYS A 20 12.15 -5.06 -17.36
CA LYS A 20 11.90 -3.66 -17.65
C LYS A 20 12.36 -2.76 -16.50
N ASN A 21 13.12 -1.71 -16.81
CA ASN A 21 13.56 -0.77 -15.77
C ASN A 21 12.37 0.00 -15.21
N LEU A 22 12.36 0.20 -13.90
CA LEU A 22 11.33 0.99 -13.24
C LEU A 22 11.97 2.34 -12.89
N VAL A 23 12.89 2.34 -11.94
CA VAL A 23 13.60 3.57 -11.54
C VAL A 23 14.99 3.18 -11.06
N GLN A 24 15.87 4.17 -10.95
CA GLN A 24 17.22 3.93 -10.43
C GLN A 24 17.26 4.48 -9.03
N ILE A 25 17.50 3.63 -8.05
CA ILE A 25 17.58 4.15 -6.70
C ILE A 25 19.06 4.27 -6.36
N LYS A 26 19.35 5.04 -5.33
CA LYS A 26 20.72 5.20 -4.89
C LYS A 26 20.75 5.75 -3.50
N SER A 27 21.93 5.63 -2.90
CA SER A 27 22.17 6.20 -1.59
C SER A 27 23.24 7.22 -1.91
N ASN A 28 23.13 8.41 -1.33
CA ASN A 28 24.15 9.44 -1.57
C ASN A 28 25.45 9.08 -0.86
N LYS A 29 25.46 7.95 -0.19
CA LYS A 29 26.68 7.49 0.48
C LYS A 29 27.63 7.03 -0.61
N ASP A 30 27.13 6.97 -1.85
CA ASP A 30 27.95 6.55 -2.96
C ASP A 30 29.00 7.60 -3.31
N LYS A 31 28.87 8.81 -2.78
CA LYS A 31 29.86 9.81 -3.10
C LYS A 31 31.06 9.72 -2.16
N GLU A 32 31.01 8.71 -1.30
CA GLU A 32 32.07 8.44 -0.33
C GLU A 32 32.74 7.10 -0.60
N GLY A 33 32.09 6.26 -1.40
CA GLY A 33 32.64 4.96 -1.73
C GLY A 33 31.71 4.19 -2.65
N LYS A 34 32.20 3.08 -3.19
CA LYS A 34 31.40 2.26 -4.08
C LYS A 34 30.35 1.55 -3.23
N VAL A 35 29.08 1.70 -3.64
CA VAL A 35 27.95 1.10 -2.94
C VAL A 35 27.33 -0.01 -3.79
N PHE A 36 26.84 -1.05 -3.12
CA PHE A 36 26.23 -2.20 -3.79
C PHE A 36 24.81 -2.35 -3.29
N TYR A 37 23.87 -2.52 -4.21
CA TYR A 37 22.46 -2.61 -3.87
C TYR A 37 21.82 -3.99 -3.97
N SER A 38 20.84 -4.23 -3.10
CA SER A 38 20.09 -5.48 -3.13
C SER A 38 18.69 -5.19 -2.62
N ILE A 39 17.75 -6.07 -2.96
CA ILE A 39 16.38 -5.92 -2.48
C ILE A 39 15.91 -7.26 -1.88
N THR A 40 15.03 -7.16 -0.90
CA THR A 40 14.50 -8.35 -0.27
C THR A 40 13.00 -8.14 -0.16
N GLY A 41 12.29 -9.24 0.07
CA GLY A 41 10.85 -9.16 0.23
C GLY A 41 10.05 -10.07 -0.66
N GLN A 42 8.77 -10.20 -0.32
CA GLN A 42 7.84 -11.00 -1.08
C GLN A 42 7.81 -10.33 -2.46
N GLY A 43 8.18 -11.09 -3.50
CA GLY A 43 8.23 -10.55 -4.84
C GLY A 43 9.69 -10.37 -5.23
N ALA A 44 10.58 -10.39 -4.24
CA ALA A 44 12.02 -10.25 -4.46
C ALA A 44 12.74 -11.56 -4.20
N ASP A 45 13.05 -11.82 -2.94
CA ASP A 45 13.74 -13.07 -2.63
C ASP A 45 12.85 -14.15 -2.05
N THR A 46 11.55 -13.85 -1.93
CA THR A 46 10.59 -14.87 -1.43
C THR A 46 9.40 -14.88 -2.39
N PRO A 47 8.69 -16.03 -2.49
CA PRO A 47 7.55 -16.10 -3.41
C PRO A 47 6.60 -14.92 -3.43
N PRO A 48 6.28 -14.44 -4.63
CA PRO A 48 6.77 -14.93 -5.92
C PRO A 48 8.22 -14.45 -6.16
N VAL A 49 9.18 -15.37 -6.20
CA VAL A 49 10.59 -14.96 -6.40
C VAL A 49 10.93 -14.33 -7.75
N GLY A 50 11.73 -13.26 -7.68
CA GLY A 50 12.22 -12.59 -8.88
C GLY A 50 11.28 -11.74 -9.70
N VAL A 51 10.17 -11.33 -9.11
CA VAL A 51 9.23 -10.48 -9.85
C VAL A 51 9.95 -9.15 -10.03
N PHE A 52 10.67 -8.74 -8.99
CA PHE A 52 11.46 -7.52 -9.02
C PHE A 52 12.90 -7.91 -8.74
N ILE A 53 13.82 -7.24 -9.42
CA ILE A 53 15.25 -7.46 -9.25
C ILE A 53 15.89 -6.09 -9.27
N ILE A 54 17.13 -6.01 -8.79
CA ILE A 54 17.82 -4.74 -8.83
C ILE A 54 19.23 -5.00 -9.29
N GLU A 55 19.73 -4.11 -10.14
CA GLU A 55 21.10 -4.20 -10.65
C GLU A 55 22.00 -3.80 -9.49
N ARG A 56 22.78 -4.75 -9.00
CA ARG A 56 23.64 -4.55 -7.85
C ARG A 56 24.56 -3.32 -7.80
N GLU A 57 25.24 -3.01 -8.89
CA GLU A 57 26.16 -1.88 -8.87
C GLU A 57 25.55 -0.54 -9.21
N THR A 58 24.46 -0.56 -9.95
CA THR A 58 23.83 0.66 -10.41
C THR A 58 22.56 1.09 -9.68
N GLY A 59 21.85 0.15 -9.07
CA GLY A 59 20.63 0.56 -8.39
C GLY A 59 19.37 0.54 -9.25
N TRP A 60 19.49 0.10 -10.50
CA TRP A 60 18.34 0.01 -11.41
C TRP A 60 17.38 -1.10 -10.91
N LEU A 61 16.19 -0.68 -10.49
CA LEU A 61 15.17 -1.60 -10.00
C LEU A 61 14.32 -1.97 -11.21
N LYS A 62 14.09 -3.27 -11.43
CA LYS A 62 13.36 -3.70 -12.60
C LYS A 62 12.25 -4.72 -12.31
N VAL A 63 11.26 -4.79 -13.19
CA VAL A 63 10.20 -5.79 -13.03
C VAL A 63 10.45 -6.81 -14.14
N THR A 64 10.23 -8.10 -13.84
CA THR A 64 10.54 -9.14 -14.82
C THR A 64 9.43 -9.85 -15.61
N GLU A 65 8.18 -9.54 -15.32
CA GLU A 65 7.09 -10.19 -16.02
C GLU A 65 5.85 -9.34 -15.92
N PRO A 66 4.83 -9.64 -16.75
CA PRO A 66 3.61 -8.85 -16.68
C PRO A 66 3.13 -9.20 -15.28
N LEU A 67 2.54 -8.24 -14.58
CA LEU A 67 2.11 -8.50 -13.22
C LEU A 67 0.72 -9.14 -13.18
N ASP A 68 0.11 -9.31 -14.35
CA ASP A 68 -1.20 -9.93 -14.44
C ASP A 68 -1.07 -11.41 -14.10
N ARG A 69 0.17 -11.86 -14.02
CA ARG A 69 0.46 -13.26 -13.70
C ARG A 69 0.65 -13.45 -12.19
N GLU A 70 0.66 -12.35 -11.45
CA GLU A 70 0.86 -12.39 -10.01
C GLU A 70 -0.41 -12.06 -9.23
N ARG A 71 -0.43 -12.39 -7.94
CA ARG A 71 -1.62 -12.19 -7.14
C ARG A 71 -1.49 -11.24 -5.99
N ILE A 72 -0.43 -10.45 -5.95
CA ILE A 72 -0.18 -9.51 -4.84
C ILE A 72 -0.66 -8.10 -5.17
N ALA A 73 -1.48 -7.50 -4.29
CA ALA A 73 -1.99 -6.17 -4.56
C ALA A 73 -0.93 -5.07 -4.41
N THR A 74 -0.13 -5.19 -3.36
CA THR A 74 0.93 -4.24 -3.06
C THR A 74 2.15 -5.01 -2.61
N TYR A 75 3.29 -4.66 -3.19
CA TYR A 75 4.54 -5.30 -2.82
C TYR A 75 5.26 -4.43 -1.82
N THR A 76 5.84 -5.07 -0.80
CA THR A 76 6.60 -4.35 0.20
C THR A 76 8.02 -4.86 0.04
N LEU A 77 8.88 -4.04 -0.56
CA LEU A 77 10.27 -4.42 -0.77
C LEU A 77 11.15 -3.57 0.10
N PHE A 78 12.37 -4.05 0.38
CA PHE A 78 13.32 -3.28 1.17
C PHE A 78 14.61 -3.21 0.37
N SER A 79 15.16 -2.01 0.22
CA SER A 79 16.42 -1.88 -0.51
C SER A 79 17.54 -1.81 0.50
N HIS A 80 18.70 -2.36 0.14
CA HIS A 80 19.86 -2.36 1.04
C HIS A 80 21.06 -1.79 0.29
N ALA A 81 21.94 -1.12 1.02
CA ALA A 81 23.15 -0.54 0.44
C ALA A 81 24.35 -0.90 1.32
N VAL A 82 25.29 -1.64 0.75
CA VAL A 82 26.49 -1.99 1.52
C VAL A 82 27.77 -1.57 0.79
N SER A 83 28.87 -1.61 1.52
CA SER A 83 30.17 -1.25 0.94
C SER A 83 30.85 -2.52 0.45
N SER A 84 32.03 -2.36 -0.11
CA SER A 84 32.81 -3.49 -0.62
C SER A 84 32.95 -4.57 0.45
N ASN A 85 33.28 -4.15 1.67
CA ASN A 85 33.45 -5.06 2.79
C ASN A 85 32.13 -5.72 3.23
N GLY A 86 31.07 -5.42 2.49
CA GLY A 86 29.76 -6.00 2.80
C GLY A 86 29.02 -5.37 3.95
N ASN A 87 29.54 -4.28 4.49
CA ASN A 87 28.88 -3.62 5.60
C ASN A 87 27.87 -2.59 5.09
N ALA A 88 26.71 -2.54 5.73
CA ALA A 88 25.65 -1.61 5.33
C ALA A 88 26.06 -0.17 5.55
N VAL A 89 25.76 0.69 4.57
CA VAL A 89 26.08 2.11 4.68
C VAL A 89 24.79 2.90 4.89
N GLU A 90 23.69 2.17 4.97
CA GLU A 90 22.36 2.74 5.21
C GLU A 90 21.50 1.68 5.85
N ASP A 91 20.43 2.12 6.52
CA ASP A 91 19.47 1.21 7.09
C ASP A 91 18.63 0.87 5.87
N PRO A 92 17.97 -0.28 5.87
CA PRO A 92 17.12 -0.68 4.73
C PRO A 92 16.02 0.32 4.49
N MET A 93 15.63 0.52 3.24
CA MET A 93 14.54 1.45 2.93
C MET A 93 13.37 0.64 2.42
N GLU A 94 12.20 0.84 3.01
CA GLU A 94 11.03 0.13 2.55
C GLU A 94 10.50 0.84 1.29
N ILE A 95 10.18 0.07 0.26
CA ILE A 95 9.64 0.60 -0.99
C ILE A 95 8.34 -0.13 -1.28
N LEU A 96 7.24 0.60 -1.21
CA LEU A 96 5.92 0.04 -1.45
C LEU A 96 5.54 0.24 -2.91
N ILE A 97 5.12 -0.84 -3.59
CA ILE A 97 4.71 -0.73 -4.99
C ILE A 97 3.32 -1.33 -5.13
N THR A 98 2.36 -0.50 -5.48
CA THR A 98 0.99 -0.97 -5.63
C THR A 98 0.70 -1.23 -7.09
N VAL A 99 0.05 -2.36 -7.35
CA VAL A 99 -0.32 -2.70 -8.72
C VAL A 99 -1.62 -1.96 -9.02
N THR A 100 -1.61 -1.12 -10.04
CA THR A 100 -2.81 -0.34 -10.36
C THR A 100 -3.34 -0.55 -11.77
N MET B 1 6.65 -13.33 18.64
CA MET B 1 5.57 -12.74 17.77
C MET B 1 4.21 -13.30 18.16
N ASP B 2 3.37 -12.45 18.74
CA ASP B 2 2.05 -12.87 19.13
C ASP B 2 0.98 -11.87 18.70
N TRP B 3 1.27 -11.09 17.67
CA TRP B 3 0.31 -10.10 17.16
C TRP B 3 -0.82 -10.80 16.41
N VAL B 4 -2.04 -10.33 16.57
CA VAL B 4 -3.19 -10.90 15.86
C VAL B 4 -3.82 -9.71 15.18
N ILE B 5 -3.69 -9.65 13.85
CA ILE B 5 -4.21 -8.52 13.10
C ILE B 5 -5.34 -8.95 12.16
N PRO B 6 -6.60 -8.51 12.43
CA PRO B 6 -7.76 -8.84 11.58
C PRO B 6 -7.65 -8.13 10.22
N PRO B 7 -8.48 -8.53 9.25
CA PRO B 7 -8.42 -7.88 7.93
C PRO B 7 -9.03 -6.49 8.03
N ILE B 8 -8.28 -5.49 7.60
CA ILE B 8 -8.73 -4.11 7.64
C ILE B 8 -9.03 -3.58 6.26
N SER B 9 -10.26 -3.14 6.07
CA SER B 9 -10.68 -2.54 4.82
C SER B 9 -11.51 -1.34 5.27
N LEU B 10 -11.26 -0.18 4.69
CA LEU B 10 -12.01 0.99 5.10
C LEU B 10 -13.48 0.86 4.69
N PRO B 11 -14.40 1.39 5.52
CA PRO B 11 -15.84 1.34 5.26
C PRO B 11 -16.31 2.15 4.04
N GLU B 12 -17.34 2.98 4.27
CA GLU B 12 -17.93 3.82 3.23
C GLU B 12 -18.94 4.78 3.86
N ASN B 13 -18.45 5.79 4.57
CA ASN B 13 -19.29 6.77 5.25
C ASN B 13 -18.44 7.66 6.15
N GLY B 16 -19.85 7.07 9.32
CA GLY B 16 -20.03 7.72 10.66
C GLY B 16 -21.04 6.99 11.53
N PRO B 17 -21.26 7.47 12.77
CA PRO B 17 -20.57 8.64 13.33
C PRO B 17 -19.14 8.28 13.67
N PHE B 18 -18.30 9.29 13.80
CA PHE B 18 -16.90 9.07 14.12
C PHE B 18 -16.62 9.45 15.56
N PRO B 19 -15.70 8.72 16.22
CA PRO B 19 -14.91 7.60 15.71
C PRO B 19 -15.70 6.39 15.23
N LYS B 20 -15.16 5.71 14.23
CA LYS B 20 -15.78 4.52 13.68
C LYS B 20 -14.80 3.37 13.92
N ASN B 21 -15.29 2.27 14.49
CA ASN B 21 -14.44 1.12 14.75
C ASN B 21 -14.04 0.42 13.46
N LEU B 22 -12.77 0.04 13.36
CA LEU B 22 -12.29 -0.69 12.19
C LEU B 22 -12.17 -2.15 12.59
N VAL B 23 -11.15 -2.47 13.37
CA VAL B 23 -10.92 -3.84 13.85
C VAL B 23 -10.26 -3.76 15.23
N GLN B 24 -10.29 -4.86 15.96
CA GLN B 24 -9.65 -4.88 17.27
C GLN B 24 -8.33 -5.64 17.12
N ILE B 25 -7.24 -4.96 17.42
CA ILE B 25 -5.93 -5.56 17.33
C ILE B 25 -5.58 -6.09 18.70
N LYS B 26 -4.73 -7.10 18.75
CA LYS B 26 -4.34 -7.63 20.04
C LYS B 26 -3.06 -8.42 19.96
N SER B 27 -2.44 -8.59 21.12
CA SER B 27 -1.24 -9.39 21.27
C SER B 27 -1.66 -10.52 22.22
N ASN B 28 -1.33 -11.76 21.88
CA ASN B 28 -1.72 -12.87 22.74
C ASN B 28 -0.95 -12.85 24.05
N LYS B 29 -0.03 -11.89 24.17
CA LYS B 29 0.71 -11.74 25.41
C LYS B 29 -0.32 -11.28 26.46
N ASP B 30 -1.49 -10.85 26.01
CA ASP B 30 -2.48 -10.40 26.99
C ASP B 30 -2.96 -11.57 27.86
N LYS B 31 -2.58 -12.79 27.49
CA LYS B 31 -2.95 -13.97 28.26
C LYS B 31 -2.10 -14.08 29.53
N GLU B 32 -0.95 -13.41 29.51
CA GLU B 32 -0.02 -13.44 30.65
C GLU B 32 -0.09 -12.19 31.51
N GLY B 33 -0.59 -11.10 30.94
CA GLY B 33 -0.67 -9.85 31.67
C GLY B 33 -1.42 -8.79 30.91
N LYS B 34 -1.74 -7.70 31.61
CA LYS B 34 -2.47 -6.60 31.01
C LYS B 34 -1.58 -5.94 29.96
N VAL B 35 -2.12 -5.73 28.77
CA VAL B 35 -1.37 -5.12 27.68
C VAL B 35 -2.01 -3.82 27.24
N PHE B 36 -1.17 -2.84 26.93
CA PHE B 36 -1.61 -1.50 26.51
C PHE B 36 -1.16 -1.22 25.08
N TYR B 37 -2.09 -0.74 24.28
CA TYR B 37 -1.83 -0.48 22.87
C TYR B 37 -1.65 0.97 22.45
N SER B 38 -0.85 1.16 21.40
CA SER B 38 -0.61 2.47 20.83
C SER B 38 -0.23 2.28 19.35
N ILE B 39 -0.34 3.36 18.58
CA ILE B 39 0.01 3.32 17.16
C ILE B 39 0.79 4.56 16.77
N THR B 40 1.72 4.37 15.83
CA THR B 40 2.52 5.47 15.32
C THR B 40 2.53 5.36 13.79
N GLY B 41 3.00 6.41 13.12
CA GLY B 41 3.06 6.41 11.66
C GLY B 41 2.13 7.43 11.02
N GLN B 42 2.22 7.58 9.70
CA GLN B 42 1.35 8.54 9.03
C GLN B 42 -0.08 8.12 9.23
N GLY B 43 -0.89 9.07 9.70
CA GLY B 43 -2.28 8.81 9.96
C GLY B 43 -2.49 8.73 11.46
N ALA B 44 -1.41 8.50 12.20
CA ALA B 44 -1.44 8.37 13.64
C ALA B 44 -0.75 9.58 14.27
N ASP B 45 0.55 9.49 14.46
CA ASP B 45 1.28 10.60 15.07
C ASP B 45 2.00 11.50 14.06
N THR B 46 2.00 11.13 12.79
CA THR B 46 2.65 11.97 11.76
C THR B 46 1.60 12.36 10.72
N PRO B 47 1.74 13.55 10.10
CA PRO B 47 0.78 14.02 9.10
C PRO B 47 0.39 13.03 8.02
N PRO B 48 -0.94 12.85 7.79
CA PRO B 48 -2.00 13.53 8.53
C PRO B 48 -2.17 12.92 9.93
N VAL B 49 -2.09 13.77 10.92
CA VAL B 49 -2.18 13.33 12.31
C VAL B 49 -3.58 13.00 12.79
N GLY B 50 -3.66 11.97 13.63
CA GLY B 50 -4.93 11.54 14.22
C GLY B 50 -6.04 11.02 13.36
N VAL B 51 -5.74 10.61 12.12
CA VAL B 51 -6.79 10.06 11.27
C VAL B 51 -7.24 8.76 11.95
N PHE B 52 -6.26 8.05 12.50
CA PHE B 52 -6.52 6.79 13.18
C PHE B 52 -6.06 6.89 14.61
N ILE B 53 -6.81 6.26 15.51
CA ILE B 53 -6.47 6.20 16.92
C ILE B 53 -6.78 4.80 17.39
N ILE B 54 -6.11 4.35 18.45
CA ILE B 54 -6.36 3.03 18.98
C ILE B 54 -6.67 3.14 20.48
N GLU B 55 -7.69 2.40 20.93
CA GLU B 55 -8.08 2.38 22.35
C GLU B 55 -6.97 1.65 23.09
N ARG B 56 -6.28 2.36 23.99
CA ARG B 56 -5.15 1.79 24.71
C ARG B 56 -5.36 0.44 25.38
N GLU B 57 -6.53 0.23 25.98
CA GLU B 57 -6.79 -1.02 26.70
C GLU B 57 -7.47 -2.11 25.89
N THR B 58 -8.28 -1.72 24.91
CA THR B 58 -9.01 -2.71 24.13
C THR B 58 -8.32 -3.08 22.80
N GLY B 59 -7.51 -2.18 22.28
CA GLY B 59 -6.86 -2.45 21.02
C GLY B 59 -7.75 -2.11 19.84
N TRP B 60 -8.91 -1.51 20.12
CA TRP B 60 -9.80 -1.14 19.02
C TRP B 60 -9.22 0.01 18.19
N LEU B 61 -8.94 -0.28 16.93
CA LEU B 61 -8.43 0.70 15.99
C LEU B 61 -9.64 1.43 15.38
N LYS B 62 -9.56 2.75 15.35
CA LYS B 62 -10.67 3.56 14.85
C LYS B 62 -10.26 4.62 13.86
N VAL B 63 -11.15 4.93 12.93
CA VAL B 63 -10.91 6.00 11.97
C VAL B 63 -11.77 7.15 12.54
N THR B 64 -11.21 8.35 12.58
CA THR B 64 -11.87 9.49 13.22
C THR B 64 -12.61 10.52 12.36
N GLU B 65 -12.51 10.38 11.06
CA GLU B 65 -13.15 11.36 10.17
C GLU B 65 -13.37 10.78 8.80
N PRO B 66 -14.27 11.39 8.02
CA PRO B 66 -14.49 10.86 6.68
C PRO B 66 -13.13 10.98 5.99
N LEU B 67 -12.75 9.94 5.27
CA LEU B 67 -11.47 9.92 4.58
C LEU B 67 -11.37 10.80 3.34
N ASP B 68 -12.50 11.38 2.92
CA ASP B 68 -12.46 12.25 1.76
C ASP B 68 -11.74 13.52 2.21
N ARG B 69 -11.53 13.64 3.52
CA ARG B 69 -10.84 14.78 4.07
C ARG B 69 -9.32 14.64 3.93
N GLU B 70 -8.86 13.43 3.64
CA GLU B 70 -7.43 13.21 3.51
C GLU B 70 -7.06 12.92 2.08
N ARG B 71 -5.77 12.98 1.77
CA ARG B 71 -5.38 12.81 0.40
C ARG B 71 -4.31 11.79 0.11
N ILE B 72 -4.03 10.87 1.02
CA ILE B 72 -2.99 9.89 0.71
C ILE B 72 -3.55 8.52 0.37
N ALA B 73 -2.82 7.82 -0.49
CA ALA B 73 -3.22 6.51 -1.01
C ALA B 73 -3.18 5.35 -0.03
N THR B 74 -2.16 5.32 0.82
CA THR B 74 -1.98 4.24 1.80
C THR B 74 -1.45 4.85 3.06
N TYR B 75 -1.68 4.18 4.18
CA TYR B 75 -1.21 4.62 5.48
C TYR B 75 -0.36 3.49 6.02
N THR B 76 0.87 3.77 6.38
CA THR B 76 1.67 2.73 7.00
C THR B 76 1.71 3.04 8.50
N LEU B 77 0.98 2.26 9.28
CA LEU B 77 0.94 2.42 10.73
C LEU B 77 1.81 1.36 11.38
N PHE B 78 2.13 1.59 12.66
CA PHE B 78 2.91 0.64 13.44
C PHE B 78 2.21 0.49 14.79
N SER B 79 1.85 -0.73 15.16
CA SER B 79 1.19 -0.92 16.44
C SER B 79 2.23 -1.33 17.46
N HIS B 80 2.01 -0.92 18.70
CA HIS B 80 2.92 -1.18 19.81
C HIS B 80 2.16 -1.81 20.96
N ALA B 81 2.85 -2.67 21.70
CA ALA B 81 2.20 -3.34 22.82
C ALA B 81 3.14 -3.36 24.02
N VAL B 82 2.69 -2.80 25.13
CA VAL B 82 3.53 -2.78 26.33
C VAL B 82 2.74 -3.14 27.57
N SER B 83 3.45 -3.44 28.65
CA SER B 83 2.82 -3.79 29.91
C SER B 83 2.74 -2.54 30.75
N SER B 84 2.18 -2.66 31.96
CA SER B 84 2.05 -1.52 32.86
C SER B 84 3.31 -0.66 32.98
N ASN B 85 4.44 -1.31 33.20
CA ASN B 85 5.70 -0.57 33.36
C ASN B 85 6.22 0.12 32.10
N GLY B 86 5.58 -0.14 30.97
CA GLY B 86 6.00 0.49 29.74
C GLY B 86 6.94 -0.36 28.91
N ASN B 87 7.31 -1.53 29.44
CA ASN B 87 8.20 -2.43 28.71
C ASN B 87 7.42 -3.11 27.58
N ALA B 88 8.01 -3.14 26.38
CA ALA B 88 7.35 -3.75 25.21
C ALA B 88 7.20 -5.27 25.34
N VAL B 89 6.03 -5.79 25.00
CA VAL B 89 5.82 -7.23 25.04
C VAL B 89 5.79 -7.81 23.64
N GLU B 90 6.07 -6.96 22.65
CA GLU B 90 6.12 -7.34 21.24
C GLU B 90 6.97 -6.30 20.55
N ASP B 91 7.46 -6.62 19.37
CA ASP B 91 8.18 -5.67 18.55
C ASP B 91 7.04 -5.00 17.82
N PRO B 92 7.22 -3.75 17.38
CA PRO B 92 6.15 -3.05 16.65
C PRO B 92 5.77 -3.79 15.37
N MET B 93 4.48 -3.78 15.06
CA MET B 93 3.98 -4.45 13.86
C MET B 93 3.55 -3.41 12.84
N GLU B 94 4.07 -3.53 11.63
CA GLU B 94 3.66 -2.63 10.57
C GLU B 94 2.28 -3.03 10.03
N ILE B 95 1.41 -2.04 9.87
CA ILE B 95 0.05 -2.27 9.40
C ILE B 95 -0.25 -1.33 8.23
N LEU B 96 -0.36 -1.89 7.03
CA LEU B 96 -0.63 -1.10 5.84
C LEU B 96 -2.12 -0.98 5.57
N ILE B 97 -2.63 0.25 5.48
CA ILE B 97 -4.03 0.43 5.18
C ILE B 97 -4.11 1.14 3.83
N THR B 98 -4.78 0.52 2.89
CA THR B 98 -4.91 1.07 1.54
C THR B 98 -6.28 1.68 1.37
N VAL B 99 -6.34 2.88 0.80
CA VAL B 99 -7.64 3.51 0.59
C VAL B 99 -8.16 3.07 -0.76
N THR B 100 -9.44 2.68 -0.82
CA THR B 100 -10.04 2.27 -2.08
C THR B 100 -11.03 3.35 -2.50
N CYS C 1 0.78 34.17 -24.46
CA CYS C 1 1.85 33.49 -23.67
C CYS C 1 3.20 33.50 -24.38
N PRO C 2 4.30 33.57 -23.62
CA PRO C 2 5.63 33.56 -24.25
C PRO C 2 5.84 32.33 -25.12
N ASP C 3 6.79 32.42 -26.06
CA ASP C 3 7.08 31.31 -26.95
C ASP C 3 7.42 30.06 -26.17
N ARG C 4 6.93 28.93 -26.64
CA ARG C 4 7.18 27.63 -26.03
C ARG C 4 6.33 27.34 -24.79
N TRP C 5 5.42 28.25 -24.49
CA TRP C 5 4.50 28.10 -23.36
C TRP C 5 3.13 27.80 -23.92
N MET C 6 2.34 27.07 -23.15
CA MET C 6 1.01 26.66 -23.56
C MET C 6 -0.04 27.52 -22.85
N LYS C 7 -1.01 28.05 -23.61
CA LYS C 7 -2.06 28.84 -22.99
C LYS C 7 -3.30 28.00 -22.66
N TYR C 8 -3.79 28.11 -21.43
CA TYR C 8 -5.01 27.41 -21.01
C TYR C 8 -5.72 28.43 -20.13
N GLY C 9 -6.86 28.91 -20.60
CA GLY C 9 -7.58 29.90 -19.84
C GLY C 9 -6.81 31.19 -19.77
N ASN C 10 -6.73 31.73 -18.56
CA ASN C 10 -6.04 32.98 -18.32
C ASN C 10 -4.62 32.75 -17.82
N HIS C 11 -4.08 31.56 -18.10
CA HIS C 11 -2.73 31.23 -17.65
C HIS C 11 -1.83 30.62 -18.74
N CYS C 12 -0.52 30.67 -18.51
CA CYS C 12 0.49 30.13 -19.41
C CYS C 12 1.25 29.01 -18.70
N TYR C 13 1.50 27.91 -19.41
CA TYR C 13 2.21 26.78 -18.79
C TYR C 13 3.41 26.39 -19.61
N TYR C 14 4.46 26.06 -18.88
CA TYR C 14 5.72 25.63 -19.48
C TYR C 14 5.97 24.18 -19.07
N PHE C 15 6.06 23.29 -20.07
CA PHE C 15 6.32 21.87 -19.85
C PHE C 15 7.78 21.70 -20.26
N SER C 16 8.64 21.32 -19.34
CA SER C 16 10.06 21.22 -19.64
C SER C 16 10.42 20.14 -20.64
N VAL C 17 11.59 20.31 -21.27
CA VAL C 17 12.05 19.31 -22.22
C VAL C 17 13.42 18.78 -21.75
N GLU C 18 13.61 18.84 -20.44
CA GLU C 18 14.83 18.33 -19.78
C GLU C 18 14.46 18.08 -18.31
N GLU C 19 15.40 17.56 -17.52
CA GLU C 19 15.12 17.24 -16.13
C GLU C 19 15.98 18.02 -15.16
N LYS C 20 15.41 18.37 -13.99
CA LYS C 20 16.10 19.08 -12.89
C LYS C 20 15.56 18.53 -11.56
N ASP C 21 16.28 18.71 -10.46
CA ASP C 21 15.72 18.25 -9.18
C ASP C 21 14.65 19.26 -8.79
N TRP C 22 13.93 19.00 -7.70
CA TRP C 22 12.84 19.87 -7.28
C TRP C 22 13.26 21.32 -7.08
N ASN C 23 14.31 21.52 -6.30
CA ASN C 23 14.79 22.89 -6.04
C ASN C 23 15.17 23.64 -7.32
N SER C 24 15.92 23.00 -8.20
CA SER C 24 16.31 23.67 -9.45
C SER C 24 15.09 23.97 -10.33
N SER C 25 14.06 23.14 -10.24
CA SER C 25 12.85 23.37 -11.02
C SER C 25 12.13 24.62 -10.51
N LEU C 26 12.02 24.69 -9.20
CA LEU C 26 11.36 25.84 -8.54
C LEU C 26 12.09 27.12 -8.96
N GLU C 27 13.42 27.06 -8.98
CA GLU C 27 14.23 28.23 -9.33
C GLU C 27 14.04 28.64 -10.78
N PHE C 28 13.95 27.66 -11.66
CA PHE C 28 13.74 27.95 -13.08
C PHE C 28 12.41 28.69 -13.28
N CYS C 29 11.34 28.26 -12.62
CA CYS C 29 10.07 28.96 -12.81
C CYS C 29 10.12 30.40 -12.24
N LEU C 30 10.73 30.56 -11.09
CA LEU C 30 10.83 31.88 -10.45
C LEU C 30 11.60 32.87 -11.31
N ALA C 31 12.58 32.37 -12.04
CA ALA C 31 13.40 33.23 -12.88
C ALA C 31 12.60 33.74 -14.07
N ARG C 32 11.46 33.11 -14.33
CA ARG C 32 10.60 33.48 -15.43
C ARG C 32 9.26 34.06 -15.00
N ASP C 33 9.26 34.70 -13.84
CA ASP C 33 8.05 35.34 -13.34
C ASP C 33 6.91 34.32 -13.29
N SER C 34 7.22 33.07 -12.92
CA SER C 34 6.18 32.06 -12.81
C SER C 34 6.41 31.25 -11.53
N HIS C 35 5.63 30.19 -11.35
CA HIS C 35 5.74 29.34 -10.17
C HIS C 35 5.63 27.87 -10.54
N LEU C 36 6.40 27.04 -9.85
CA LEU C 36 6.35 25.59 -10.08
C LEU C 36 4.87 25.26 -9.86
N LEU C 37 4.27 24.53 -10.80
CA LEU C 37 2.86 24.23 -10.80
C LEU C 37 2.05 24.04 -9.52
N VAL C 38 1.10 24.94 -9.29
CA VAL C 38 0.19 24.81 -8.15
C VAL C 38 -1.14 24.61 -8.84
N ILE C 39 -1.69 23.40 -8.70
CA ILE C 39 -2.95 23.05 -9.35
C ILE C 39 -4.06 23.53 -8.44
N THR C 40 -5.08 24.13 -9.02
CA THR C 40 -6.19 24.65 -8.23
C THR C 40 -7.35 23.67 -8.04
N ASP C 41 -7.62 22.85 -9.04
CA ASP C 41 -8.72 21.89 -8.93
C ASP C 41 -8.59 20.76 -9.93
N ASN C 42 -9.55 19.85 -9.89
CA ASN C 42 -9.55 18.70 -10.78
C ASN C 42 -9.65 19.00 -12.27
N GLN C 43 -10.33 20.07 -12.63
CA GLN C 43 -10.46 20.40 -14.05
C GLN C 43 -9.08 20.77 -14.61
N GLU C 44 -8.35 21.61 -13.90
CA GLU C 44 -7.02 22.03 -14.34
C GLU C 44 -6.10 20.80 -14.34
N MET C 45 -6.17 19.99 -13.29
CA MET C 45 -5.30 18.82 -13.26
C MET C 45 -5.54 17.92 -14.47
N SER C 46 -6.81 17.62 -14.75
CA SER C 46 -7.15 16.77 -15.87
C SER C 46 -6.70 17.33 -17.21
N LEU C 47 -6.80 18.65 -17.38
CA LEU C 47 -6.40 19.29 -18.63
C LEU C 47 -4.90 19.17 -18.81
N LEU C 48 -4.15 19.54 -17.76
CA LEU C 48 -2.70 19.48 -17.85
C LEU C 48 -2.19 18.06 -18.06
N GLN C 49 -2.91 17.08 -17.52
CA GLN C 49 -2.49 15.70 -17.69
C GLN C 49 -2.53 15.22 -19.14
N VAL C 50 -3.35 15.83 -19.98
CA VAL C 50 -3.40 15.37 -21.35
C VAL C 50 -2.07 15.63 -22.06
N PHE C 51 -1.26 16.55 -21.51
CA PHE C 51 0.04 16.92 -22.07
C PHE C 51 1.19 16.14 -21.44
N LEU C 52 0.87 15.23 -20.55
CA LEU C 52 1.89 14.45 -19.88
C LEU C 52 1.92 13.00 -20.33
N SER C 53 3.07 12.36 -20.08
CA SER C 53 3.26 10.96 -20.41
C SER C 53 3.32 10.22 -19.08
N GLU C 54 3.85 9.00 -19.09
CA GLU C 54 3.98 8.25 -17.83
C GLU C 54 5.13 8.82 -17.01
N ALA C 55 6.00 9.59 -17.65
CA ALA C 55 7.12 10.17 -16.94
C ALA C 55 6.58 11.22 -15.98
N PHE C 56 7.26 11.35 -14.84
CA PHE C 56 6.82 12.31 -13.84
C PHE C 56 7.43 13.69 -13.96
N SER C 57 6.63 14.70 -13.58
CA SER C 57 7.03 16.09 -13.61
C SER C 57 6.86 16.74 -12.25
N TRP C 58 7.87 17.49 -11.82
CA TRP C 58 7.77 18.21 -10.55
C TRP C 58 6.69 19.29 -10.56
N ILE C 59 6.02 19.46 -9.42
CA ILE C 59 5.02 20.52 -9.27
C ILE C 59 5.32 21.14 -7.90
N GLY C 60 4.69 22.27 -7.59
CA GLY C 60 4.96 22.97 -6.35
C GLY C 60 4.19 22.40 -5.18
N LEU C 61 4.49 21.15 -4.86
CA LEU C 61 3.82 20.45 -3.77
C LEU C 61 4.88 19.73 -2.98
N ARG C 62 4.79 19.79 -1.66
CA ARG C 62 5.75 19.10 -0.80
C ARG C 62 5.07 18.62 0.47
N ASN C 63 5.71 17.66 1.14
CA ASN C 63 5.19 17.16 2.40
C ASN C 63 5.86 18.01 3.49
N ASN C 64 5.20 19.08 3.90
CA ASN C 64 5.72 19.97 4.95
C ASN C 64 4.61 20.10 5.97
N SER C 65 4.61 19.19 6.94
CA SER C 65 3.55 19.11 7.95
C SER C 65 2.34 18.96 7.07
N GLY C 66 2.28 17.81 6.40
CA GLY C 66 1.19 17.53 5.51
C GLY C 66 1.49 18.00 4.10
N TRP C 67 0.87 17.35 3.13
CA TRP C 67 1.04 17.72 1.75
C TRP C 67 0.43 19.10 1.57
N ARG C 68 1.23 20.06 1.13
CA ARG C 68 0.73 21.40 0.89
C ARG C 68 1.45 22.06 -0.30
N TRP C 69 0.76 22.97 -0.98
CA TRP C 69 1.36 23.67 -2.12
C TRP C 69 2.32 24.75 -1.64
N GLU C 70 3.22 25.17 -2.52
CA GLU C 70 4.19 26.19 -2.19
C GLU C 70 3.60 27.56 -1.81
N ASP C 71 2.34 27.79 -2.14
CA ASP C 71 1.72 29.06 -1.77
C ASP C 71 1.10 28.94 -0.38
N GLY C 72 1.53 27.91 0.36
CA GLY C 72 1.06 27.66 1.71
C GLY C 72 -0.21 26.83 1.86
N SER C 73 -0.98 26.74 0.79
CA SER C 73 -2.23 26.00 0.80
C SER C 73 -2.11 24.49 0.88
N PRO C 74 -2.89 23.85 1.78
CA PRO C 74 -2.81 22.39 1.88
C PRO C 74 -3.55 21.70 0.75
N LEU C 75 -3.11 20.51 0.42
CA LEU C 75 -3.72 19.73 -0.64
C LEU C 75 -5.14 19.39 -0.26
N ASN C 76 -6.11 19.87 -1.03
CA ASN C 76 -7.50 19.64 -0.70
C ASN C 76 -8.29 18.82 -1.70
N PHE C 77 -7.63 18.32 -2.74
CA PHE C 77 -8.33 17.47 -3.71
C PHE C 77 -7.34 16.44 -4.26
N SER C 78 -7.88 15.49 -5.03
CA SER C 78 -7.12 14.41 -5.63
C SER C 78 -6.54 13.52 -4.56
N ARG C 79 -5.45 12.84 -4.88
CA ARG C 79 -4.84 11.90 -3.94
C ARG C 79 -3.39 11.70 -4.37
N ILE C 80 -2.50 11.47 -3.43
CA ILE C 80 -1.10 11.25 -3.80
C ILE C 80 -0.63 9.94 -3.16
N SER C 81 0.12 9.16 -3.92
CA SER C 81 0.64 7.90 -3.43
C SER C 81 2.16 8.04 -3.29
N SER C 82 2.75 7.20 -2.44
CA SER C 82 4.18 7.27 -2.18
C SER C 82 4.78 5.86 -2.07
N ASN C 83 6.04 5.67 -2.50
CA ASN C 83 6.68 4.37 -2.32
C ASN C 83 7.47 4.31 -1.01
N SER C 84 8.05 5.44 -0.61
CA SER C 84 8.89 5.49 0.57
C SER C 84 8.74 6.78 1.34
N PHE C 85 8.90 6.71 2.65
CA PHE C 85 8.73 7.90 3.48
C PHE C 85 9.71 9.03 3.19
N VAL C 86 10.84 8.75 2.55
CA VAL C 86 11.74 9.84 2.25
C VAL C 86 11.28 10.67 1.05
N GLN C 87 10.23 10.23 0.36
CA GLN C 87 9.75 10.94 -0.83
C GLN C 87 8.87 12.10 -0.34
N THR C 88 9.48 13.27 -0.20
CA THR C 88 8.76 14.43 0.33
C THR C 88 8.40 15.54 -0.65
N CYS C 89 8.69 15.35 -1.93
CA CYS C 89 8.32 16.34 -2.94
C CYS C 89 7.25 15.71 -3.83
N GLY C 90 6.37 16.52 -4.40
CA GLY C 90 5.30 15.96 -5.20
C GLY C 90 5.51 16.13 -6.70
N ALA C 91 5.02 15.14 -7.45
CA ALA C 91 5.12 15.16 -8.90
C ALA C 91 3.84 14.63 -9.50
N ILE C 92 3.72 14.79 -10.81
CA ILE C 92 2.53 14.35 -11.51
C ILE C 92 2.88 13.71 -12.84
N ASN C 93 2.06 12.76 -13.25
CA ASN C 93 2.20 12.18 -14.57
C ASN C 93 0.78 12.04 -15.11
N LYS C 94 0.62 11.40 -16.25
CA LYS C 94 -0.70 11.30 -16.84
C LYS C 94 -1.72 10.54 -16.00
N ASN C 95 -1.25 9.73 -15.05
CA ASN C 95 -2.16 8.94 -14.22
C ASN C 95 -2.44 9.49 -12.83
N GLY C 96 -1.65 10.45 -12.36
CA GLY C 96 -1.93 10.98 -11.03
C GLY C 96 -0.74 11.60 -10.31
N LEU C 97 -0.92 11.89 -9.03
CA LEU C 97 0.13 12.50 -8.21
C LEU C 97 0.91 11.43 -7.45
N GLN C 98 2.23 11.56 -7.40
CA GLN C 98 3.07 10.63 -6.65
C GLN C 98 4.21 11.38 -6.00
N ALA C 99 4.67 10.88 -4.87
CA ALA C 99 5.77 11.49 -4.16
C ALA C 99 7.10 10.99 -4.74
N SER C 100 8.15 11.79 -4.59
CA SER C 100 9.49 11.44 -5.05
C SER C 100 10.49 12.10 -4.11
N SER C 101 11.70 11.54 -4.06
CA SER C 101 12.77 12.16 -3.27
C SER C 101 13.05 13.45 -4.05
N CYS C 102 13.24 14.55 -3.32
CA CYS C 102 13.46 15.85 -3.94
C CYS C 102 14.72 15.97 -4.81
N GLU C 103 15.70 15.12 -4.55
CA GLU C 103 16.95 15.12 -5.31
C GLU C 103 16.86 14.52 -6.71
N VAL C 104 15.74 13.87 -7.00
CA VAL C 104 15.58 13.21 -8.28
C VAL C 104 15.37 14.17 -9.46
N PRO C 105 16.15 14.00 -10.53
CA PRO C 105 15.91 14.91 -11.66
C PRO C 105 14.67 14.41 -12.41
N LEU C 106 13.70 15.31 -12.58
CA LEU C 106 12.47 14.99 -13.29
C LEU C 106 12.11 16.17 -14.18
N HIS C 107 11.15 15.99 -15.09
CA HIS C 107 10.68 17.12 -15.90
C HIS C 107 9.90 18.00 -14.91
N TRP C 108 9.44 19.17 -15.35
CA TRP C 108 8.69 20.00 -14.40
C TRP C 108 7.73 20.87 -15.19
N VAL C 109 6.79 21.51 -14.50
CA VAL C 109 5.82 22.39 -15.14
C VAL C 109 5.78 23.73 -14.41
N CYS C 110 5.83 24.83 -15.16
CA CYS C 110 5.68 26.17 -14.56
C CYS C 110 4.32 26.72 -14.97
N LYS C 111 3.79 27.62 -14.15
CA LYS C 111 2.50 28.24 -14.46
C LYS C 111 2.63 29.70 -14.16
N LYS C 112 2.12 30.51 -15.07
CA LYS C 112 2.15 31.97 -14.95
C LYS C 112 0.71 32.46 -15.15
N CYS D 1 -29.83 -29.47 -0.74
CA CYS D 1 -28.82 -28.91 0.21
C CYS D 1 -29.41 -28.97 1.62
N PRO D 2 -28.56 -29.22 2.63
CA PRO D 2 -29.05 -29.29 4.01
C PRO D 2 -29.73 -27.98 4.38
N ASP D 3 -30.58 -28.02 5.40
CA ASP D 3 -31.29 -26.82 5.84
C ASP D 3 -30.33 -25.67 6.12
N ARG D 4 -30.72 -24.47 5.69
CA ARG D 4 -29.95 -23.25 5.88
C ARG D 4 -28.78 -23.04 4.91
N TRP D 5 -28.48 -24.04 4.08
CA TRP D 5 -27.42 -23.88 3.08
C TRP D 5 -28.08 -23.32 1.83
N MET D 6 -27.30 -22.61 1.01
CA MET D 6 -27.80 -22.03 -0.22
C MET D 6 -27.39 -22.92 -1.38
N LYS D 7 -28.33 -23.20 -2.29
CA LYS D 7 -28.05 -24.04 -3.45
C LYS D 7 -27.82 -23.18 -4.67
N TYR D 8 -26.77 -23.50 -5.42
CA TYR D 8 -26.44 -22.80 -6.65
C TYR D 8 -25.82 -23.82 -7.59
N GLY D 9 -26.53 -24.12 -8.67
CA GLY D 9 -26.04 -25.13 -9.60
C GLY D 9 -26.13 -26.44 -8.86
N ASN D 10 -25.08 -27.24 -8.90
CA ASN D 10 -25.11 -28.51 -8.20
C ASN D 10 -24.27 -28.39 -6.93
N HIS D 11 -24.23 -27.18 -6.37
CA HIS D 11 -23.46 -26.93 -5.15
C HIS D 11 -24.25 -26.36 -4.00
N CYS D 12 -23.75 -26.63 -2.80
CA CYS D 12 -24.35 -26.17 -1.56
C CYS D 12 -23.34 -25.37 -0.78
N TYR D 13 -23.71 -24.12 -0.48
CA TYR D 13 -22.83 -23.25 0.28
C TYR D 13 -23.41 -22.94 1.68
N TYR D 14 -22.52 -22.85 2.65
CA TYR D 14 -22.93 -22.50 4.00
C TYR D 14 -22.29 -21.16 4.34
N PHE D 15 -23.11 -20.16 4.63
CA PHE D 15 -22.61 -18.85 5.03
C PHE D 15 -22.88 -18.80 6.52
N SER D 16 -21.82 -18.76 7.33
CA SER D 16 -21.95 -18.76 8.79
C SER D 16 -22.72 -17.59 9.38
N VAL D 17 -23.30 -17.83 10.56
CA VAL D 17 -24.06 -16.81 11.28
C VAL D 17 -23.10 -16.18 12.29
N GLU D 18 -22.30 -17.02 12.94
CA GLU D 18 -21.36 -16.50 13.92
C GLU D 18 -19.93 -16.58 13.42
N GLU D 19 -18.97 -16.33 14.30
CA GLU D 19 -17.55 -16.30 13.91
C GLU D 19 -16.67 -17.34 14.56
N LYS D 20 -15.68 -17.81 13.83
CA LYS D 20 -14.71 -18.78 14.34
C LYS D 20 -13.33 -18.45 13.76
N ASP D 21 -12.25 -18.90 14.40
CA ASP D 21 -10.94 -18.62 13.83
C ASP D 21 -10.76 -19.55 12.63
N TRP D 22 -9.65 -19.42 11.90
CA TRP D 22 -9.47 -20.23 10.69
C TRP D 22 -9.47 -21.75 10.90
N ASN D 23 -8.70 -22.24 11.87
CA ASN D 23 -8.67 -23.69 12.08
C ASN D 23 -10.03 -24.20 12.51
N SER D 24 -10.72 -23.43 13.35
CA SER D 24 -12.02 -23.87 13.83
C SER D 24 -13.02 -23.87 12.69
N SER D 25 -12.90 -22.92 11.78
CA SER D 25 -13.78 -22.86 10.62
C SER D 25 -13.55 -24.10 9.74
N LEU D 26 -12.28 -24.47 9.56
CA LEU D 26 -11.90 -25.64 8.75
C LEU D 26 -12.49 -26.91 9.35
N GLU D 27 -12.31 -27.06 10.66
CA GLU D 27 -12.80 -28.22 11.37
C GLU D 27 -14.32 -28.35 11.23
N PHE D 28 -15.01 -27.23 11.40
CA PHE D 28 -16.48 -27.20 11.29
C PHE D 28 -16.96 -27.71 9.93
N CYS D 29 -16.42 -27.17 8.85
CA CYS D 29 -16.84 -27.61 7.52
C CYS D 29 -16.58 -29.11 7.30
N LEU D 30 -15.47 -29.61 7.80
CA LEU D 30 -15.13 -31.03 7.65
C LEU D 30 -16.09 -31.89 8.46
N ALA D 31 -16.55 -31.37 9.58
CA ALA D 31 -17.49 -32.11 10.42
C ALA D 31 -18.84 -32.16 9.72
N ARG D 32 -19.07 -31.26 8.78
CA ARG D 32 -20.34 -31.25 8.09
C ARG D 32 -20.22 -31.76 6.64
N ASP D 33 -19.31 -32.71 6.48
CA ASP D 33 -19.03 -33.34 5.20
C ASP D 33 -18.79 -32.34 4.08
N SER D 34 -18.03 -31.28 4.35
CA SER D 34 -17.74 -30.29 3.32
C SER D 34 -16.31 -29.75 3.47
N HIS D 35 -16.04 -28.64 2.79
CA HIS D 35 -14.72 -28.02 2.87
C HIS D 35 -14.81 -26.50 2.96
N LEU D 36 -13.95 -25.94 3.79
CA LEU D 36 -13.85 -24.49 3.92
C LEU D 36 -13.60 -24.08 2.46
N LEU D 37 -14.44 -23.17 1.95
CA LEU D 37 -14.42 -22.71 0.57
C LEU D 37 -13.11 -22.62 -0.22
N VAL D 38 -13.01 -23.44 -1.28
CA VAL D 38 -11.87 -23.33 -2.19
C VAL D 38 -12.58 -22.74 -3.41
N ILE D 39 -12.29 -21.48 -3.73
CA ILE D 39 -12.93 -20.85 -4.88
C ILE D 39 -12.24 -21.37 -6.14
N THR D 40 -13.02 -21.95 -7.05
CA THR D 40 -12.45 -22.56 -8.26
C THR D 40 -11.97 -21.62 -9.36
N ASP D 41 -12.70 -20.54 -9.58
CA ASP D 41 -12.34 -19.58 -10.61
C ASP D 41 -12.95 -18.22 -10.36
N ASN D 42 -12.62 -17.24 -11.19
CA ASN D 42 -13.15 -15.90 -11.01
C ASN D 42 -14.68 -15.88 -11.12
N GLN D 43 -15.24 -16.83 -11.85
CA GLN D 43 -16.69 -16.92 -12.01
C GLN D 43 -17.36 -17.20 -10.67
N GLU D 44 -16.84 -18.19 -9.95
CA GLU D 44 -17.39 -18.56 -8.64
C GLU D 44 -17.13 -17.48 -7.59
N MET D 45 -16.01 -16.76 -7.72
CA MET D 45 -15.70 -15.68 -6.78
C MET D 45 -16.72 -14.56 -6.98
N SER D 46 -17.06 -14.29 -8.23
CA SER D 46 -18.03 -13.25 -8.55
C SER D 46 -19.41 -13.65 -8.02
N LEU D 47 -19.73 -14.92 -8.18
CA LEU D 47 -21.01 -15.44 -7.71
C LEU D 47 -21.10 -15.21 -6.21
N LEU D 48 -20.04 -15.61 -5.50
CA LEU D 48 -19.96 -15.48 -4.05
C LEU D 48 -20.10 -14.10 -3.47
N GLN D 49 -19.43 -13.13 -4.08
CA GLN D 49 -19.43 -11.77 -3.58
C GLN D 49 -20.78 -11.11 -3.59
N VAL D 50 -21.69 -11.62 -4.40
CA VAL D 50 -23.05 -11.07 -4.43
C VAL D 50 -23.73 -11.27 -3.07
N PHE D 51 -23.33 -12.33 -2.38
CA PHE D 51 -23.94 -12.68 -1.10
C PHE D 51 -23.17 -12.28 0.14
N LEU D 52 -22.06 -11.60 -0.07
CA LEU D 52 -21.21 -11.13 1.02
C LEU D 52 -21.41 -9.64 1.35
N SER D 53 -21.01 -9.25 2.56
CA SER D 53 -21.11 -7.87 2.98
C SER D 53 -19.69 -7.34 3.05
N GLU D 54 -19.49 -6.24 3.77
CA GLU D 54 -18.15 -5.70 3.91
C GLU D 54 -17.38 -6.54 4.92
N ALA D 55 -18.08 -7.36 5.70
CA ALA D 55 -17.41 -8.21 6.69
C ALA D 55 -16.68 -9.35 5.98
N PHE D 56 -15.53 -9.75 6.51
CA PHE D 56 -14.77 -10.82 5.91
C PHE D 56 -15.13 -12.23 6.36
N SER D 57 -15.03 -13.17 5.43
CA SER D 57 -15.30 -14.58 5.71
C SER D 57 -14.10 -15.41 5.34
N TRP D 58 -13.77 -16.37 6.20
CA TRP D 58 -12.69 -17.30 5.97
C TRP D 58 -12.98 -18.24 4.79
N ILE D 59 -11.93 -18.59 4.06
CA ILE D 59 -12.04 -19.54 2.94
C ILE D 59 -10.79 -20.42 3.08
N GLY D 60 -10.72 -21.53 2.33
CA GLY D 60 -9.60 -22.45 2.42
C GLY D 60 -8.36 -22.01 1.68
N LEU D 61 -7.86 -20.84 2.06
CA LEU D 61 -6.71 -20.23 1.44
C LEU D 61 -5.69 -19.83 2.51
N ARG D 62 -4.41 -20.15 2.30
CA ARG D 62 -3.36 -19.80 3.28
C ARG D 62 -2.06 -19.47 2.56
N ASN D 63 -1.20 -18.69 3.21
CA ASN D 63 0.07 -18.34 2.61
C ASN D 63 1.13 -19.28 3.20
N ASN D 64 1.58 -20.21 2.39
CA ASN D 64 2.59 -21.18 2.79
C ASN D 64 3.55 -21.13 1.60
N SER D 65 4.55 -20.26 1.68
CA SER D 65 5.50 -20.09 0.60
C SER D 65 4.68 -19.70 -0.63
N GLY D 66 3.72 -18.79 -0.42
CA GLY D 66 2.87 -18.34 -1.51
C GLY D 66 1.44 -18.73 -1.17
N TRP D 67 0.49 -17.98 -1.71
CA TRP D 67 -0.92 -18.25 -1.45
C TRP D 67 -1.40 -19.47 -2.22
N ARG D 68 -2.01 -20.39 -1.50
CA ARG D 68 -2.51 -21.59 -2.14
C ARG D 68 -3.71 -22.10 -1.39
N TRP D 69 -4.59 -22.76 -2.12
CA TRP D 69 -5.79 -23.33 -1.53
C TRP D 69 -5.43 -24.60 -0.75
N GLU D 70 -6.36 -25.05 0.09
CA GLU D 70 -6.08 -26.23 0.89
C GLU D 70 -5.87 -27.49 0.04
N ASP D 71 -6.17 -27.43 -1.26
CA ASP D 71 -5.96 -28.61 -2.10
C ASP D 71 -4.56 -28.58 -2.70
N GLY D 72 -3.78 -27.59 -2.28
CA GLY D 72 -2.40 -27.49 -2.74
C GLY D 72 -2.19 -26.63 -3.97
N SER D 73 -3.27 -26.26 -4.62
CA SER D 73 -3.19 -25.45 -5.82
C SER D 73 -2.94 -23.98 -5.52
N PRO D 74 -1.96 -23.36 -6.22
CA PRO D 74 -1.69 -21.94 -5.95
C PRO D 74 -2.85 -21.05 -6.41
N LEU D 75 -2.97 -19.88 -5.81
CA LEU D 75 -4.03 -18.94 -6.16
C LEU D 75 -3.68 -18.49 -7.57
N ASN D 76 -4.56 -18.70 -8.53
CA ASN D 76 -4.19 -18.32 -9.89
C ASN D 76 -5.13 -17.34 -10.57
N PHE D 77 -5.96 -16.67 -9.77
CA PHE D 77 -6.84 -15.65 -10.32
C PHE D 77 -7.02 -14.57 -9.25
N SER D 78 -7.49 -13.41 -9.70
CA SER D 78 -7.73 -12.27 -8.81
C SER D 78 -6.44 -11.78 -8.16
N ARG D 79 -6.57 -11.15 -7.00
CA ARG D 79 -5.43 -10.58 -6.29
C ARG D 79 -5.78 -10.54 -4.81
N ILE D 80 -4.80 -10.67 -3.93
CA ILE D 80 -5.11 -10.60 -2.51
C ILE D 80 -4.31 -9.45 -1.86
N SER D 81 -4.97 -8.68 -0.98
CA SER D 81 -4.24 -7.61 -0.31
C SER D 81 -4.02 -8.03 1.16
N SER D 82 -3.11 -7.33 1.83
CA SER D 82 -2.73 -7.66 3.18
C SER D 82 -2.36 -6.39 3.96
N ASN D 83 -2.59 -6.38 5.27
CA ASN D 83 -2.15 -5.25 6.08
C ASN D 83 -0.80 -5.56 6.74
N SER D 84 -0.62 -6.82 7.14
CA SER D 84 0.60 -7.19 7.87
C SER D 84 1.15 -8.55 7.47
N PHE D 85 2.48 -8.69 7.54
CA PHE D 85 3.09 -9.96 7.13
C PHE D 85 2.64 -11.18 7.93
N VAL D 86 2.17 -10.98 9.15
CA VAL D 86 1.70 -12.09 9.99
C VAL D 86 0.33 -12.62 9.63
N GLN D 87 -0.35 -11.95 8.70
CA GLN D 87 -1.69 -12.38 8.27
C GLN D 87 -1.49 -13.46 7.21
N THR D 88 -1.52 -14.72 7.65
CA THR D 88 -1.24 -15.81 6.72
C THR D 88 -2.40 -16.70 6.31
N CYS D 89 -3.61 -16.31 6.68
CA CYS D 89 -4.85 -17.02 6.29
C CYS D 89 -5.65 -16.12 5.38
N GLY D 90 -6.41 -16.70 4.45
CA GLY D 90 -7.18 -15.88 3.52
C GLY D 90 -8.67 -15.75 3.79
N ALA D 91 -9.20 -14.56 3.54
CA ALA D 91 -10.60 -14.27 3.73
C ALA D 91 -11.12 -13.48 2.54
N ILE D 92 -12.43 -13.31 2.47
CA ILE D 92 -12.99 -12.58 1.37
C ILE D 92 -14.21 -11.79 1.80
N ASN D 93 -14.44 -10.65 1.16
CA ASN D 93 -15.64 -9.87 1.44
C ASN D 93 -16.23 -9.49 0.10
N LYS D 94 -17.21 -8.58 0.09
CA LYS D 94 -17.82 -8.28 -1.18
C LYS D 94 -16.91 -7.56 -2.15
N ASN D 95 -15.79 -7.02 -1.68
CA ASN D 95 -14.87 -6.29 -2.55
C ASN D 95 -13.61 -7.03 -2.95
N GLY D 96 -13.34 -8.14 -2.27
CA GLY D 96 -12.15 -8.89 -2.64
C GLY D 96 -11.54 -9.78 -1.56
N LEU D 97 -10.38 -10.32 -1.89
CA LEU D 97 -9.64 -11.20 -1.01
C LEU D 97 -8.69 -10.39 -0.15
N GLN D 98 -8.63 -10.72 1.13
CA GLN D 98 -7.71 -10.05 2.05
C GLN D 98 -7.17 -11.04 3.05
N ALA D 99 -5.92 -10.83 3.45
CA ALA D 99 -5.27 -11.71 4.43
C ALA D 99 -5.68 -11.31 5.85
N SER D 100 -5.62 -12.26 6.77
CA SER D 100 -5.93 -12.01 8.16
C SER D 100 -5.15 -12.96 9.04
N SER D 101 -4.85 -12.55 10.27
CA SER D 101 -4.19 -13.45 11.21
C SER D 101 -5.17 -14.61 11.39
N CYS D 102 -4.64 -15.82 11.41
CA CYS D 102 -5.49 -17.01 11.49
C CYS D 102 -6.29 -17.14 12.78
N GLU D 103 -5.83 -16.48 13.85
CA GLU D 103 -6.49 -16.54 15.15
C GLU D 103 -7.73 -15.66 15.24
N VAL D 104 -7.95 -14.82 14.24
CA VAL D 104 -9.09 -13.92 14.26
C VAL D 104 -10.41 -14.60 14.01
N PRO D 105 -11.42 -14.36 14.88
CA PRO D 105 -12.71 -15.00 14.62
C PRO D 105 -13.42 -14.23 13.50
N LEU D 106 -13.82 -14.94 12.45
CA LEU D 106 -14.52 -14.31 11.34
C LEU D 106 -15.63 -15.27 10.92
N HIS D 107 -16.55 -14.74 10.13
CA HIS D 107 -17.61 -15.55 9.54
C HIS D 107 -16.85 -16.44 8.57
N TRP D 108 -17.48 -17.50 8.06
CA TRP D 108 -16.79 -18.38 7.13
C TRP D 108 -17.77 -18.96 6.13
N VAL D 109 -17.26 -19.61 5.09
CA VAL D 109 -18.09 -20.22 4.05
C VAL D 109 -17.69 -21.66 3.81
N CYS D 110 -18.65 -22.58 3.81
CA CYS D 110 -18.34 -23.97 3.51
C CYS D 110 -19.00 -24.26 2.17
N LYS D 111 -18.48 -25.26 1.48
CA LYS D 111 -19.02 -25.65 0.19
C LYS D 111 -19.01 -27.17 0.13
N LYS D 112 -20.08 -27.73 -0.42
CA LYS D 112 -20.14 -29.17 -0.56
C LYS D 112 -20.78 -29.54 -1.89
#